data_9LTH
#
_entry.id   9LTH
#
_cell.length_a   34.747
_cell.length_b   128.260
_cell.length_c   72.630
_cell.angle_alpha   90.000
_cell.angle_beta   100.616
_cell.angle_gamma   90.000
#
_symmetry.space_group_name_H-M   'I 1 2 1'
#
loop_
_entity.id
_entity.type
_entity.pdbx_description
1 polymer 'Transcriptional regulator'
2 water water
#
_entity_poly.entity_id   1
_entity_poly.type   'polypeptide(L)'
_entity_poly.pdbx_seq_one_letter_code
;GSHMNFGQAIDHLRRQKHFSVKQICGNYLSRQTYYRFVNNEVDISSTKLFYLLNHLNVNVDEFLFICNNFQLEKEFTDME
KIKIYFEKNNIVGLQNLLTSYSSQINVKEKIIYALISSLLGRLTNTSSCTEEKILRDYLINIETWTHYETVLFNNAMFIF
DSEFIELIFRKINLNLEKYSTLRYYGNESIRMFINMIILYIDRQDIRRAKEALQIAKNFKINDDCMYEKSCIVFFNEVLN
LLNGEISSLKICKSIIKYFNLIGSLSIAAMFESYLDTLIKNNPHITFN
;
_entity_poly.pdbx_strand_id   A
#
# COMPACT_ATOMS: atom_id res chain seq x y z
N MET A 4 9.13 22.35 5.97
CA MET A 4 8.96 23.24 7.17
C MET A 4 9.39 22.48 8.43
N ASN A 5 10.28 23.06 9.25
CA ASN A 5 10.93 22.36 10.40
C ASN A 5 9.91 22.25 11.53
N PHE A 6 10.09 21.29 12.47
CA PHE A 6 9.10 20.93 13.53
C PHE A 6 8.70 22.15 14.36
N GLY A 7 9.64 23.03 14.69
CA GLY A 7 9.39 24.22 15.51
C GLY A 7 8.25 25.05 14.96
N GLN A 8 8.30 25.39 13.68
CA GLN A 8 7.31 26.27 13.00
C GLN A 8 5.94 25.58 13.02
N ALA A 9 5.89 24.29 12.66
CA ALA A 9 4.64 23.51 12.49
C ALA A 9 3.90 23.50 13.82
N ILE A 10 4.60 23.20 14.93
CA ILE A 10 4.02 23.11 16.29
C ILE A 10 3.37 24.46 16.61
N ASP A 11 4.08 25.55 16.34
CA ASP A 11 3.64 26.91 16.75
C ASP A 11 2.46 27.33 15.87
N HIS A 12 2.52 27.00 14.59
CA HIS A 12 1.41 27.25 13.63
C HIS A 12 0.15 26.54 14.10
N LEU A 13 0.26 25.26 14.50
CA LEU A 13 -0.86 24.46 15.05
C LEU A 13 -1.33 25.07 16.36
N ARG A 14 -0.40 25.54 17.21
CA ARG A 14 -0.70 26.13 18.54
C ARG A 14 -1.55 27.40 18.36
N ARG A 15 -1.23 28.23 17.37
CA ARG A 15 -1.91 29.54 17.15
C ARG A 15 -3.23 29.31 16.43
N GLN A 16 -3.27 28.34 15.51
CA GLN A 16 -4.48 27.98 14.73
C GLN A 16 -5.53 27.38 15.67
N LYS A 17 -5.11 26.84 16.82
CA LYS A 17 -6.03 26.24 17.81
C LYS A 17 -6.09 27.18 19.02
N HIS A 18 -5.57 28.38 18.91
CA HIS A 18 -5.67 29.42 19.98
C HIS A 18 -5.26 28.81 21.34
N PHE A 19 -4.12 28.11 21.38
CA PHE A 19 -3.55 27.55 22.63
C PHE A 19 -2.45 28.50 23.12
N SER A 20 -2.12 28.40 24.39
CA SER A 20 -1.04 29.18 25.06
C SER A 20 0.19 28.28 25.21
N VAL A 21 1.38 28.88 25.17
CA VAL A 21 2.67 28.14 25.32
C VAL A 21 2.63 27.31 26.61
N LYS A 22 2.06 27.86 27.68
CA LYS A 22 1.92 27.21 29.01
C LYS A 22 1.00 25.99 28.88
N GLN A 23 -0.14 26.13 28.17
CA GLN A 23 -1.14 25.04 27.99
C GLN A 23 -0.43 23.83 27.36
N ILE A 24 0.43 24.07 26.36
CA ILE A 24 1.10 22.98 25.59
C ILE A 24 2.38 22.55 26.30
N CYS A 25 3.23 23.49 26.73
CA CYS A 25 4.55 23.18 27.35
C CYS A 25 4.32 22.67 28.78
N GLY A 26 3.14 22.93 29.36
CA GLY A 26 2.83 22.53 30.75
C GLY A 26 4.00 22.84 31.67
N ASN A 27 4.48 21.86 32.43
CA ASN A 27 5.75 21.99 33.19
C ASN A 27 6.73 20.92 32.72
N TYR A 28 6.85 20.76 31.41
CA TYR A 28 7.81 19.81 30.78
C TYR A 28 8.79 20.59 29.91
N LEU A 29 8.45 21.80 29.47
CA LEU A 29 9.34 22.62 28.60
C LEU A 29 9.35 24.11 29.02
N SER A 30 10.51 24.77 29.00
CA SER A 30 10.62 26.23 29.32
C SER A 30 10.24 27.06 28.10
N ARG A 31 9.78 28.30 28.32
CA ARG A 31 9.53 29.28 27.22
C ARG A 31 10.80 29.45 26.38
N GLN A 32 11.98 29.57 27.00
CA GLN A 32 13.27 29.78 26.28
C GLN A 32 13.55 28.54 25.43
N THR A 33 13.38 27.37 26.04
CA THR A 33 13.51 26.07 25.36
C THR A 33 12.50 26.01 24.20
N TYR A 34 11.21 26.31 24.47
CA TYR A 34 10.12 26.30 23.45
C TYR A 34 10.45 27.27 22.31
N TYR A 35 10.86 28.52 22.59
CA TYR A 35 11.13 29.55 21.55
C TYR A 35 12.28 29.09 20.62
N ARG A 36 13.38 28.65 21.19
CA ARG A 36 14.59 28.30 20.40
C ARG A 36 14.23 27.12 19.47
N PHE A 37 13.37 26.22 19.96
CA PHE A 37 12.86 25.05 19.20
C PHE A 37 12.07 25.56 17.99
N VAL A 38 11.25 26.61 18.20
CA VAL A 38 10.39 27.23 17.17
C VAL A 38 11.28 27.84 16.07
N ASN A 39 12.46 28.35 16.42
CA ASN A 39 13.32 29.09 15.48
C ASN A 39 14.37 28.14 14.90
N ASN A 40 14.30 26.87 15.28
CA ASN A 40 15.18 25.80 14.76
C ASN A 40 16.61 26.05 15.26
N GLU A 41 16.75 26.46 16.52
CA GLU A 41 18.07 26.67 17.19
C GLU A 41 18.43 25.42 17.99
N VAL A 42 17.43 24.72 18.54
CA VAL A 42 17.57 23.55 19.45
C VAL A 42 16.58 22.47 19.00
N ASP A 43 16.93 21.20 19.14
CA ASP A 43 15.94 20.10 18.99
C ASP A 43 15.37 19.81 20.39
N ILE A 44 14.41 18.89 20.47
CA ILE A 44 13.76 18.49 21.74
C ILE A 44 13.72 16.97 21.79
N SER A 45 13.83 16.40 22.99
CA SER A 45 13.69 14.95 23.22
C SER A 45 12.34 14.49 22.66
N SER A 46 12.30 13.31 22.05
CA SER A 46 11.15 12.67 21.36
C SER A 46 9.93 12.62 22.29
N THR A 47 10.10 12.26 23.56
CA THR A 47 8.99 12.23 24.56
C THR A 47 8.42 13.64 24.77
N LYS A 48 9.20 14.70 24.55
CA LYS A 48 8.73 16.11 24.68
C LYS A 48 8.07 16.58 23.38
N LEU A 49 8.40 16.02 22.23
CA LEU A 49 7.67 16.38 20.98
C LEU A 49 6.26 15.79 21.06
N PHE A 50 6.15 14.52 21.47
CA PHE A 50 4.89 13.76 21.53
C PHE A 50 4.00 14.37 22.61
N TYR A 51 4.61 14.89 23.67
CA TYR A 51 3.94 15.68 24.75
C TYR A 51 3.28 16.90 24.13
N LEU A 52 4.04 17.66 23.35
CA LEU A 52 3.59 18.89 22.68
C LEU A 52 2.44 18.55 21.71
N LEU A 53 2.60 17.53 20.87
CA LEU A 53 1.54 17.12 19.92
C LEU A 53 0.29 16.65 20.68
N ASN A 54 0.49 15.95 21.79
CA ASN A 54 -0.59 15.42 22.66
C ASN A 54 -1.47 16.58 23.17
N HIS A 55 -0.83 17.64 23.66
CA HIS A 55 -1.47 18.88 24.17
C HIS A 55 -2.05 19.70 23.00
N LEU A 56 -1.50 19.63 21.78
CA LEU A 56 -2.09 20.32 20.59
C LEU A 56 -3.34 19.58 20.12
N ASN A 57 -3.57 18.39 20.67
CA ASN A 57 -4.66 17.48 20.23
C ASN A 57 -4.45 17.21 18.74
N VAL A 58 -3.24 16.84 18.35
CA VAL A 58 -2.88 16.53 16.93
C VAL A 58 -2.11 15.21 16.86
N ASN A 59 -2.45 14.32 15.91
CA ASN A 59 -1.73 13.03 15.73
C ASN A 59 -0.43 13.29 14.97
N VAL A 60 0.57 12.45 15.21
CA VAL A 60 1.94 12.60 14.66
C VAL A 60 1.86 12.45 13.15
N ASP A 61 1.11 11.49 12.65
CA ASP A 61 0.93 11.31 11.18
C ASP A 61 0.35 12.62 10.61
N GLU A 62 -0.71 13.18 11.19
CA GLU A 62 -1.22 14.53 10.80
C GLU A 62 -0.08 15.55 10.86
N PHE A 63 0.64 15.57 11.97
CA PHE A 63 1.77 16.51 12.16
C PHE A 63 2.71 16.42 10.96
N LEU A 64 3.28 15.23 10.72
CA LEU A 64 4.32 15.00 9.69
C LEU A 64 3.80 15.42 8.32
N PHE A 65 2.53 15.13 8.05
CA PHE A 65 1.88 15.45 6.77
C PHE A 65 1.76 16.98 6.59
N ILE A 66 2.00 17.77 7.63
CA ILE A 66 1.99 19.26 7.56
C ILE A 66 3.42 19.75 7.36
N CYS A 67 4.36 19.16 8.10
CA CYS A 67 5.82 19.46 8.02
C CYS A 67 6.37 19.18 6.61
N ASN A 68 5.75 18.27 5.87
CA ASN A 68 6.17 17.92 4.49
C ASN A 68 5.27 18.67 3.51
N ASN A 69 4.83 19.87 3.90
CA ASN A 69 4.06 20.78 3.01
C ASN A 69 2.89 20.01 2.39
N PHE A 70 2.08 19.36 3.23
CA PHE A 70 0.81 18.69 2.82
C PHE A 70 1.10 17.72 1.69
N GLN A 71 2.04 16.80 1.93
CA GLN A 71 2.40 15.72 0.98
C GLN A 71 2.83 14.47 1.74
N LEU A 72 2.35 13.29 1.31
CA LEU A 72 2.90 11.98 1.78
C LEU A 72 4.41 11.94 1.48
N GLU A 73 5.13 11.07 2.20
CA GLU A 73 6.61 11.00 2.25
C GLU A 73 7.09 10.57 0.85
N LYS A 74 8.26 11.05 0.41
CA LYS A 74 8.77 10.89 -1.00
C LYS A 74 8.85 9.41 -1.40
N GLU A 75 9.20 8.49 -0.47
CA GLU A 75 9.41 7.04 -0.77
C GLU A 75 8.10 6.41 -1.24
N PHE A 76 7.00 6.69 -0.52
CA PHE A 76 5.63 6.17 -0.78
C PHE A 76 5.10 6.77 -2.07
N THR A 77 5.35 8.07 -2.31
CA THR A 77 4.89 8.73 -3.56
C THR A 77 5.73 8.23 -4.74
N ASP A 78 7.05 8.09 -4.58
CA ASP A 78 7.91 7.43 -5.60
C ASP A 78 7.41 6.01 -5.91
N MET A 79 6.90 5.27 -4.91
CA MET A 79 6.43 3.86 -5.07
C MET A 79 5.15 3.81 -5.91
N GLU A 80 4.28 4.81 -5.81
CA GLU A 80 3.04 4.82 -6.64
C GLU A 80 3.43 5.21 -8.08
N LYS A 81 4.33 6.19 -8.23
CA LYS A 81 4.86 6.56 -9.56
C LYS A 81 5.44 5.29 -10.22
N ILE A 82 6.26 4.54 -9.48
CA ILE A 82 6.90 3.30 -10.03
C ILE A 82 5.80 2.37 -10.55
N LYS A 83 4.71 2.22 -9.79
CA LYS A 83 3.58 1.33 -10.12
C LYS A 83 3.06 1.73 -11.49
N ILE A 84 2.64 2.98 -11.62
CA ILE A 84 2.05 3.57 -12.86
C ILE A 84 3.04 3.41 -14.01
N TYR A 85 4.31 3.79 -13.82
CA TYR A 85 5.30 3.84 -14.93
C TYR A 85 5.46 2.42 -15.49
N PHE A 86 5.37 1.38 -14.64
CA PHE A 86 5.50 -0.03 -15.10
C PHE A 86 4.21 -0.47 -15.81
N GLU A 87 3.05 -0.11 -15.26
CA GLU A 87 1.75 -0.40 -15.92
C GLU A 87 1.84 0.11 -17.36
N LYS A 88 2.20 1.38 -17.54
CA LYS A 88 2.09 2.10 -18.83
C LYS A 88 3.35 1.89 -19.69
N ASN A 89 4.23 0.96 -19.36
CA ASN A 89 5.52 0.79 -20.10
C ASN A 89 6.28 2.13 -20.25
N ASN A 90 6.34 2.99 -19.21
CA ASN A 90 7.10 4.27 -19.22
C ASN A 90 8.56 4.08 -18.77
N ILE A 91 9.39 3.56 -19.67
CA ILE A 91 10.84 3.29 -19.40
C ILE A 91 11.51 4.57 -18.92
N VAL A 92 10.99 5.74 -19.33
CA VAL A 92 11.63 7.07 -19.12
C VAL A 92 11.49 7.48 -17.65
N GLY A 93 10.27 7.45 -17.10
CA GLY A 93 10.05 7.68 -15.66
C GLY A 93 10.82 6.71 -14.81
N LEU A 94 10.77 5.44 -15.17
CA LEU A 94 11.54 4.37 -14.46
C LEU A 94 13.02 4.75 -14.50
N GLN A 95 13.54 4.98 -15.70
CA GLN A 95 14.98 5.33 -15.87
C GLN A 95 15.30 6.61 -15.06
N ASN A 96 14.39 7.60 -15.05
CA ASN A 96 14.60 8.86 -14.29
C ASN A 96 14.63 8.55 -12.78
N LEU A 97 13.67 7.79 -12.25
CA LEU A 97 13.66 7.39 -10.79
C LEU A 97 14.92 6.56 -10.43
N LEU A 98 15.45 5.80 -11.37
CA LEU A 98 16.66 4.94 -11.18
C LEU A 98 17.88 5.85 -10.91
N THR A 99 18.03 6.93 -11.70
CA THR A 99 19.06 7.99 -11.55
C THR A 99 19.03 8.57 -10.13
N SER A 100 17.87 8.97 -9.62
CA SER A 100 17.77 9.68 -8.32
C SER A 100 18.06 8.74 -7.15
N TYR A 101 17.84 7.42 -7.29
CA TYR A 101 18.11 6.47 -6.20
C TYR A 101 19.47 5.81 -6.42
N SER A 102 20.21 6.18 -7.50
CA SER A 102 21.43 5.45 -7.90
C SER A 102 22.54 5.70 -6.86
N SER A 103 22.41 6.78 -6.10
CA SER A 103 23.14 7.11 -4.84
C SER A 103 23.23 5.89 -3.91
N GLN A 104 22.10 5.18 -3.69
CA GLN A 104 21.98 4.01 -2.78
C GLN A 104 22.72 4.29 -1.48
N ILE A 105 22.33 5.33 -0.75
CA ILE A 105 23.03 5.78 0.49
C ILE A 105 22.67 4.81 1.63
N ASN A 106 21.43 4.29 1.66
CA ASN A 106 20.89 3.46 2.77
C ASN A 106 20.06 2.29 2.22
N VAL A 107 19.55 1.39 3.08
CA VAL A 107 18.75 0.18 2.70
C VAL A 107 17.60 0.64 1.81
N LYS A 108 16.85 1.63 2.31
CA LYS A 108 15.68 2.26 1.63
C LYS A 108 15.99 2.53 0.14
N GLU A 109 17.13 3.13 -0.17
CA GLU A 109 17.51 3.52 -1.56
C GLU A 109 17.96 2.26 -2.34
N LYS A 110 18.42 1.21 -1.66
CA LYS A 110 18.85 -0.06 -2.31
C LYS A 110 17.61 -0.86 -2.74
N ILE A 111 16.58 -0.88 -1.92
CA ILE A 111 15.35 -1.68 -2.19
C ILE A 111 14.66 -1.07 -3.42
N ILE A 112 14.46 0.25 -3.41
CA ILE A 112 13.75 0.90 -4.53
C ILE A 112 14.63 0.87 -5.79
N TYR A 113 15.93 1.03 -5.65
CA TYR A 113 16.88 0.89 -6.78
C TYR A 113 16.69 -0.47 -7.43
N ALA A 114 16.65 -1.51 -6.61
CA ALA A 114 16.57 -2.91 -7.04
C ALA A 114 15.19 -3.10 -7.65
N LEU A 115 14.19 -2.45 -7.07
CA LEU A 115 12.78 -2.55 -7.59
C LEU A 115 12.71 -1.90 -8.99
N ILE A 116 13.32 -0.72 -9.20
CA ILE A 116 13.27 -0.01 -10.51
C ILE A 116 14.08 -0.83 -11.52
N SER A 117 15.28 -1.30 -11.17
CA SER A 117 16.13 -2.08 -12.10
C SER A 117 15.37 -3.33 -12.54
N SER A 118 14.73 -4.02 -11.59
CA SER A 118 14.03 -5.32 -11.83
C SER A 118 12.84 -5.08 -12.74
N LEU A 119 12.08 -4.01 -12.53
CA LEU A 119 10.94 -3.66 -13.43
C LEU A 119 11.47 -3.23 -14.79
N LEU A 120 12.59 -2.50 -14.87
CA LEU A 120 13.18 -2.12 -16.18
C LEU A 120 13.65 -3.40 -16.90
N GLY A 121 14.21 -4.35 -16.16
CA GLY A 121 14.69 -5.64 -16.70
C GLY A 121 13.58 -6.37 -17.41
N ARG A 122 12.38 -6.32 -16.83
CA ARG A 122 11.17 -7.00 -17.35
C ARG A 122 10.73 -6.28 -18.63
N LEU A 123 10.94 -4.97 -18.75
CA LEU A 123 10.47 -4.15 -19.92
C LEU A 123 11.44 -4.17 -21.10
N THR A 124 12.70 -4.54 -20.87
CA THR A 124 13.81 -4.50 -21.87
C THR A 124 14.35 -5.93 -22.09
N ASN A 125 13.64 -6.95 -21.58
CA ASN A 125 14.08 -8.38 -21.47
C ASN A 125 15.59 -8.46 -21.28
N THR A 126 16.06 -7.95 -20.14
CA THR A 126 17.46 -8.03 -19.63
C THR A 126 17.45 -8.64 -18.22
N SER A 127 18.55 -9.30 -17.88
CA SER A 127 18.82 -9.87 -16.54
C SER A 127 19.09 -8.72 -15.56
N SER A 128 18.43 -8.76 -14.40
CA SER A 128 18.73 -7.96 -13.17
C SER A 128 18.80 -8.93 -12.00
N CYS A 129 19.67 -9.92 -12.16
CA CYS A 129 19.79 -11.12 -11.28
C CYS A 129 20.18 -10.59 -9.89
N THR A 130 21.15 -9.67 -9.78
CA THR A 130 21.64 -9.11 -8.50
C THR A 130 20.44 -8.47 -7.76
N GLU A 131 19.61 -7.72 -8.49
CA GLU A 131 18.62 -6.76 -7.92
C GLU A 131 17.37 -7.48 -7.42
N GLU A 132 16.90 -8.44 -8.18
CA GLU A 132 15.86 -9.40 -7.74
C GLU A 132 16.35 -10.11 -6.47
N LYS A 133 17.63 -10.44 -6.37
CA LYS A 133 18.16 -11.17 -5.19
C LYS A 133 18.09 -10.24 -3.96
N ILE A 134 18.49 -8.99 -4.10
CA ILE A 134 18.39 -7.94 -3.03
C ILE A 134 16.94 -7.90 -2.50
N LEU A 135 15.96 -7.84 -3.41
CA LEU A 135 14.52 -7.68 -3.08
C LEU A 135 14.03 -8.91 -2.32
N ARG A 136 14.27 -10.08 -2.90
CA ARG A 136 13.89 -11.42 -2.37
C ARG A 136 14.37 -11.59 -0.92
N ASP A 137 15.66 -11.29 -0.69
CA ASP A 137 16.34 -11.48 0.62
C ASP A 137 15.74 -10.50 1.61
N TYR A 138 15.50 -9.25 1.23
CA TYR A 138 14.85 -8.28 2.15
C TYR A 138 13.49 -8.83 2.59
N LEU A 139 12.65 -9.28 1.65
CA LEU A 139 11.23 -9.61 1.93
C LEU A 139 11.12 -10.92 2.73
N ILE A 140 12.00 -11.87 2.46
CA ILE A 140 11.89 -13.25 3.01
C ILE A 140 12.21 -13.23 4.50
N ASN A 141 12.95 -12.22 4.97
CA ASN A 141 13.38 -12.05 6.39
C ASN A 141 12.60 -10.92 7.08
N ILE A 142 11.32 -10.73 6.76
CA ILE A 142 10.42 -9.78 7.50
C ILE A 142 9.49 -10.58 8.41
N GLU A 143 9.66 -10.47 9.73
CA GLU A 143 8.78 -11.18 10.72
C GLU A 143 7.75 -10.18 11.29
N THR A 144 8.07 -8.87 11.29
CA THR A 144 7.09 -7.78 11.49
C THR A 144 6.94 -7.04 10.15
N TRP A 145 5.84 -7.32 9.48
CA TRP A 145 5.45 -6.81 8.15
C TRP A 145 4.70 -5.49 8.33
N THR A 146 5.25 -4.39 7.82
CA THR A 146 4.66 -3.05 7.98
C THR A 146 4.11 -2.61 6.63
N HIS A 147 3.46 -1.45 6.57
CA HIS A 147 3.02 -0.76 5.34
C HIS A 147 4.11 -0.75 4.25
N TYR A 148 5.36 -0.38 4.57
CA TYR A 148 6.48 -0.26 3.58
C TYR A 148 6.53 -1.52 2.72
N GLU A 149 6.60 -2.67 3.37
CA GLU A 149 6.75 -4.00 2.72
C GLU A 149 5.51 -4.31 1.88
N THR A 150 4.34 -3.91 2.35
CA THR A 150 3.05 -4.07 1.63
C THR A 150 3.11 -3.25 0.33
N VAL A 151 3.41 -1.95 0.41
CA VAL A 151 3.62 -1.10 -0.79
C VAL A 151 4.66 -1.79 -1.67
N LEU A 152 5.81 -2.16 -1.11
CA LEU A 152 6.92 -2.78 -1.89
C LEU A 152 6.42 -4.03 -2.61
N PHE A 153 5.67 -4.87 -1.90
CA PHE A 153 5.24 -6.23 -2.35
C PHE A 153 4.15 -6.08 -3.45
N ASN A 154 3.19 -5.16 -3.34
CA ASN A 154 2.18 -4.91 -4.40
C ASN A 154 2.88 -4.61 -5.72
N ASN A 155 4.03 -3.96 -5.61
CA ASN A 155 4.86 -3.43 -6.71
C ASN A 155 5.83 -4.50 -7.23
N ALA A 156 6.34 -5.41 -6.41
CA ALA A 156 7.40 -6.37 -6.83
C ALA A 156 6.78 -7.71 -7.17
N MET A 157 5.56 -7.95 -6.71
CA MET A 157 4.90 -9.27 -6.56
C MET A 157 5.18 -10.14 -7.79
N PHE A 158 4.95 -9.58 -8.98
CA PHE A 158 4.72 -10.36 -10.22
C PHE A 158 6.05 -10.78 -10.82
N ILE A 159 7.18 -10.14 -10.45
CA ILE A 159 8.55 -10.63 -10.82
C ILE A 159 8.90 -11.94 -10.07
N PHE A 160 8.16 -12.36 -9.04
CA PHE A 160 8.51 -13.54 -8.20
C PHE A 160 7.70 -14.74 -8.66
N ASP A 161 8.33 -15.92 -8.62
CA ASP A 161 7.63 -17.23 -8.79
C ASP A 161 6.57 -17.34 -7.72
N SER A 162 5.56 -18.17 -7.99
CA SER A 162 4.36 -18.42 -7.16
C SER A 162 4.71 -19.07 -5.81
N GLU A 163 5.74 -19.93 -5.75
CA GLU A 163 6.17 -20.55 -4.44
C GLU A 163 6.59 -19.43 -3.47
N PHE A 164 7.20 -18.37 -4.01
CA PHE A 164 7.78 -17.29 -3.19
C PHE A 164 6.63 -16.45 -2.66
N ILE A 165 5.69 -16.15 -3.55
CA ILE A 165 4.49 -15.34 -3.23
C ILE A 165 3.70 -16.11 -2.17
N GLU A 166 3.45 -17.39 -2.39
CA GLU A 166 2.77 -18.26 -1.39
C GLU A 166 3.54 -18.17 -0.08
N LEU A 167 4.86 -18.37 -0.11
CA LEU A 167 5.70 -18.27 1.10
C LEU A 167 5.36 -16.98 1.83
N ILE A 168 5.42 -15.84 1.14
CA ILE A 168 5.26 -14.51 1.77
C ILE A 168 3.85 -14.42 2.38
N PHE A 169 2.84 -14.89 1.65
CA PHE A 169 1.40 -14.78 2.01
C PHE A 169 1.13 -15.58 3.29
N ARG A 170 1.58 -16.84 3.34
CA ARG A 170 1.40 -17.75 4.49
C ARG A 170 2.05 -17.15 5.74
N LYS A 171 3.13 -16.39 5.55
CA LYS A 171 4.12 -16.01 6.60
C LYS A 171 3.75 -14.63 7.19
N ILE A 172 2.66 -14.00 6.75
CA ILE A 172 2.29 -12.61 7.14
C ILE A 172 0.85 -12.54 7.65
N ASN A 173 0.03 -13.57 7.38
CA ASN A 173 -1.31 -13.74 7.98
C ASN A 173 -1.37 -13.10 9.37
N LEU A 174 -0.50 -13.56 10.28
CA LEU A 174 -0.54 -13.23 11.73
C LEU A 174 -0.44 -11.71 11.94
N ASN A 175 0.77 -11.13 12.01
CA ASN A 175 0.98 -9.66 12.17
C ASN A 175 -0.05 -8.84 11.36
N LEU A 176 -0.34 -9.20 10.11
CA LEU A 176 -1.30 -8.48 9.25
C LEU A 176 -2.62 -8.30 10.01
N GLU A 177 -3.03 -9.35 10.73
CA GLU A 177 -4.24 -9.37 11.59
C GLU A 177 -4.09 -8.37 12.74
N LYS A 178 -2.92 -8.35 13.41
CA LYS A 178 -2.70 -7.56 14.65
C LYS A 178 -3.17 -6.13 14.43
N TYR A 179 -2.77 -5.52 13.29
CA TYR A 179 -3.07 -4.11 12.94
C TYR A 179 -4.38 -4.00 12.14
N SER A 180 -5.24 -5.03 12.18
CA SER A 180 -6.63 -4.98 11.65
C SER A 180 -7.27 -3.63 12.02
N THR A 181 -7.15 -3.23 13.30
CA THR A 181 -7.66 -1.95 13.87
C THR A 181 -6.92 -0.75 13.26
N LEU A 182 -5.75 -0.97 12.63
CA LEU A 182 -5.04 0.14 11.95
C LEU A 182 -5.86 0.62 10.75
N ARG A 183 -5.89 1.95 10.66
CA ARG A 183 -6.50 2.79 9.61
C ARG A 183 -5.66 2.67 8.34
N TYR A 184 -6.30 2.44 7.19
CA TYR A 184 -5.61 2.47 5.88
C TYR A 184 -4.49 1.41 5.83
N TYR A 185 -4.29 0.58 6.86
CA TYR A 185 -3.24 -0.47 6.84
C TYR A 185 -3.94 -1.83 6.72
N GLY A 186 -4.71 -2.26 7.73
CA GLY A 186 -5.66 -3.38 7.58
C GLY A 186 -6.24 -3.42 6.17
N ASN A 187 -6.65 -2.29 5.63
CA ASN A 187 -7.31 -2.21 4.30
C ASN A 187 -6.28 -2.40 3.19
N GLU A 188 -5.06 -1.88 3.35
CA GLU A 188 -4.01 -2.01 2.30
C GLU A 188 -3.47 -3.45 2.29
N SER A 189 -3.54 -4.15 3.41
CA SER A 189 -3.19 -5.59 3.52
C SER A 189 -4.15 -6.40 2.63
N ILE A 190 -5.45 -6.13 2.76
CA ILE A 190 -6.52 -6.84 1.98
C ILE A 190 -6.27 -6.60 0.49
N ARG A 191 -6.05 -5.34 0.10
CA ARG A 191 -5.91 -4.98 -1.33
C ARG A 191 -4.73 -5.76 -1.91
N MET A 192 -3.65 -5.95 -1.15
CA MET A 192 -2.50 -6.74 -1.64
C MET A 192 -2.93 -8.21 -1.86
N PHE A 193 -3.73 -8.78 -0.95
CA PHE A 193 -4.29 -10.16 -1.05
C PHE A 193 -5.12 -10.33 -2.33
N ILE A 194 -5.96 -9.35 -2.65
CA ILE A 194 -6.72 -9.29 -3.94
C ILE A 194 -5.72 -9.28 -5.11
N ASN A 195 -4.67 -8.47 -5.03
CA ASN A 195 -3.60 -8.44 -6.07
C ASN A 195 -2.98 -9.83 -6.22
N MET A 196 -2.77 -10.55 -5.12
CA MET A 196 -2.21 -11.92 -5.17
C MET A 196 -3.22 -12.82 -5.88
N ILE A 197 -4.47 -12.80 -5.42
CA ILE A 197 -5.56 -13.60 -6.03
C ILE A 197 -5.60 -13.27 -7.53
N ILE A 198 -5.57 -11.99 -7.88
CA ILE A 198 -5.63 -11.60 -9.32
C ILE A 198 -4.47 -12.30 -10.02
N LEU A 199 -3.27 -12.18 -9.45
CA LEU A 199 -2.03 -12.66 -10.11
C LEU A 199 -2.09 -14.19 -10.24
N TYR A 200 -2.60 -14.89 -9.23
CA TYR A 200 -2.72 -16.36 -9.24
C TYR A 200 -3.76 -16.78 -10.31
N ILE A 201 -4.95 -16.17 -10.27
CA ILE A 201 -6.01 -16.39 -11.31
C ILE A 201 -5.39 -16.15 -12.69
N ASP A 202 -4.59 -15.07 -12.87
CA ASP A 202 -4.01 -14.67 -14.17
C ASP A 202 -2.90 -15.67 -14.59
N ARG A 203 -2.31 -16.40 -13.65
CA ARG A 203 -1.25 -17.40 -13.93
C ARG A 203 -1.87 -18.80 -14.09
N GLN A 204 -3.21 -18.87 -14.13
CA GLN A 204 -3.97 -20.14 -14.23
C GLN A 204 -3.61 -21.02 -13.02
N ASP A 205 -3.17 -20.42 -11.91
CA ASP A 205 -2.81 -21.12 -10.65
C ASP A 205 -3.95 -20.96 -9.64
N ILE A 206 -5.13 -21.45 -10.02
CA ILE A 206 -6.44 -21.28 -9.33
C ILE A 206 -6.34 -21.83 -7.90
N ARG A 207 -5.50 -22.85 -7.73
CA ARG A 207 -5.41 -23.66 -6.48
C ARG A 207 -4.97 -22.75 -5.32
N ARG A 208 -4.01 -21.85 -5.53
CA ARG A 208 -3.47 -20.91 -4.49
C ARG A 208 -4.32 -19.64 -4.36
N ALA A 209 -5.12 -19.33 -5.39
CA ALA A 209 -6.13 -18.23 -5.38
C ALA A 209 -7.25 -18.59 -4.39
N LYS A 210 -7.70 -19.85 -4.39
CA LYS A 210 -8.77 -20.39 -3.50
C LYS A 210 -8.33 -20.29 -2.04
N GLU A 211 -7.07 -20.66 -1.80
CA GLU A 211 -6.42 -20.70 -0.45
C GLU A 211 -6.20 -19.26 0.03
N ALA A 212 -5.75 -18.37 -0.87
CA ALA A 212 -5.53 -16.92 -0.59
C ALA A 212 -6.85 -16.20 -0.26
N LEU A 213 -7.91 -16.49 -1.01
CA LEU A 213 -9.22 -15.85 -0.78
C LEU A 213 -9.78 -16.32 0.56
N GLN A 214 -9.74 -17.62 0.84
CA GLN A 214 -10.33 -18.20 2.07
C GLN A 214 -9.68 -17.54 3.28
N ILE A 215 -8.39 -17.24 3.18
CA ILE A 215 -7.63 -16.53 4.25
C ILE A 215 -8.14 -15.09 4.37
N ALA A 216 -8.30 -14.39 3.24
CA ALA A 216 -8.80 -12.99 3.18
C ALA A 216 -10.20 -12.90 3.79
N LYS A 217 -11.03 -13.91 3.57
CA LYS A 217 -12.39 -13.99 4.19
C LYS A 217 -12.28 -14.09 5.72
N ASN A 218 -11.32 -14.85 6.24
CA ASN A 218 -11.15 -15.08 7.71
C ASN A 218 -10.59 -13.82 8.37
N PHE A 219 -9.89 -12.96 7.63
CA PHE A 219 -9.48 -11.62 8.11
C PHE A 219 -10.75 -10.91 8.64
N LYS A 220 -10.62 -10.26 9.79
CA LYS A 220 -11.75 -9.57 10.49
C LYS A 220 -11.95 -8.22 9.80
N ILE A 221 -13.03 -8.06 9.01
CA ILE A 221 -13.25 -6.87 8.12
C ILE A 221 -14.49 -6.09 8.57
N ASN A 222 -14.28 -4.87 9.06
CA ASN A 222 -15.32 -3.90 9.49
C ASN A 222 -16.27 -3.64 8.30
N ASP A 223 -17.57 -3.49 8.59
CA ASP A 223 -18.67 -3.45 7.61
C ASP A 223 -18.58 -2.17 6.76
N ASP A 224 -17.87 -1.13 7.21
CA ASP A 224 -17.65 0.12 6.41
C ASP A 224 -16.52 -0.09 5.38
N CYS A 225 -15.75 -1.18 5.45
CA CYS A 225 -14.65 -1.45 4.48
C CYS A 225 -15.23 -2.02 3.18
N MET A 226 -16.05 -1.25 2.48
CA MET A 226 -16.95 -1.74 1.40
C MET A 226 -16.17 -2.00 0.10
N TYR A 227 -15.16 -1.19 -0.22
CA TYR A 227 -14.35 -1.55 -1.41
C TYR A 227 -13.77 -2.94 -1.17
N GLU A 228 -13.22 -3.19 0.02
CA GLU A 228 -12.51 -4.46 0.30
C GLU A 228 -13.53 -5.62 0.29
N LYS A 229 -14.61 -5.54 1.07
CA LYS A 229 -15.69 -6.56 1.12
C LYS A 229 -16.25 -6.86 -0.27
N SER A 230 -16.45 -5.84 -1.12
CA SER A 230 -16.80 -5.94 -2.56
C SER A 230 -15.77 -6.79 -3.32
N CYS A 231 -14.49 -6.46 -3.19
CA CYS A 231 -13.40 -7.24 -3.85
C CYS A 231 -13.47 -8.71 -3.40
N ILE A 232 -13.57 -8.95 -2.10
CA ILE A 232 -13.67 -10.31 -1.52
C ILE A 232 -14.77 -11.04 -2.29
N VAL A 233 -16.00 -10.51 -2.24
CA VAL A 233 -17.21 -11.10 -2.87
C VAL A 233 -16.99 -11.30 -4.37
N PHE A 234 -16.65 -10.23 -5.08
CA PHE A 234 -16.41 -10.28 -6.55
C PHE A 234 -15.50 -11.46 -6.88
N PHE A 235 -14.27 -11.49 -6.33
CA PHE A 235 -13.24 -12.48 -6.67
C PHE A 235 -13.67 -13.90 -6.23
N ASN A 236 -14.43 -14.04 -5.17
CA ASN A 236 -14.98 -15.36 -4.74
C ASN A 236 -15.89 -15.92 -5.85
N GLU A 237 -16.81 -15.08 -6.36
CA GLU A 237 -17.76 -15.44 -7.45
C GLU A 237 -16.95 -15.70 -8.72
N VAL A 238 -15.84 -14.99 -8.92
CA VAL A 238 -14.96 -15.21 -10.11
C VAL A 238 -14.29 -16.58 -9.97
N LEU A 239 -13.98 -17.03 -8.76
CA LEU A 239 -13.43 -18.39 -8.53
C LEU A 239 -14.53 -19.42 -8.80
N ASN A 240 -15.71 -19.22 -8.23
CA ASN A 240 -16.93 -20.04 -8.48
C ASN A 240 -17.13 -20.17 -10.00
N LEU A 241 -17.26 -19.07 -10.74
CA LEU A 241 -17.36 -19.08 -12.23
C LEU A 241 -16.37 -20.09 -12.80
N LEU A 242 -15.09 -19.99 -12.44
CA LEU A 242 -14.00 -20.84 -12.99
C LEU A 242 -14.22 -22.32 -12.63
N ASN A 243 -14.96 -22.59 -11.55
CA ASN A 243 -15.45 -23.95 -11.18
C ASN A 243 -16.83 -24.20 -11.78
N GLY A 244 -17.29 -23.35 -12.70
CA GLY A 244 -18.52 -23.53 -13.50
C GLY A 244 -19.80 -23.21 -12.74
N GLU A 245 -20.24 -21.96 -12.74
CA GLU A 245 -21.61 -21.57 -12.30
C GLU A 245 -21.95 -20.21 -12.89
N ILE A 246 -22.79 -20.15 -13.93
CA ILE A 246 -23.22 -18.87 -14.56
C ILE A 246 -24.10 -18.09 -13.57
N SER A 247 -24.46 -18.69 -12.42
CA SER A 247 -25.26 -18.03 -11.35
C SER A 247 -24.41 -16.93 -10.70
N SER A 248 -23.08 -17.11 -10.77
CA SER A 248 -22.07 -16.20 -10.16
C SER A 248 -21.83 -14.98 -11.06
N LEU A 249 -22.09 -15.10 -12.38
CA LEU A 249 -21.92 -13.97 -13.34
C LEU A 249 -22.92 -12.83 -13.08
N LYS A 250 -24.14 -13.09 -12.59
CA LYS A 250 -25.11 -12.01 -12.26
C LYS A 250 -24.56 -11.20 -11.08
N ILE A 251 -24.03 -11.89 -10.07
CA ILE A 251 -23.47 -11.30 -8.82
C ILE A 251 -22.27 -10.39 -9.16
N CYS A 252 -21.42 -10.80 -10.10
CA CYS A 252 -20.25 -9.99 -10.57
C CYS A 252 -20.72 -8.71 -11.26
N LYS A 253 -21.75 -8.84 -12.09
CA LYS A 253 -22.36 -7.72 -12.87
C LYS A 253 -23.02 -6.71 -11.93
N SER A 254 -23.72 -7.20 -10.89
CA SER A 254 -24.48 -6.37 -9.90
C SER A 254 -23.49 -5.56 -9.06
N ILE A 255 -22.36 -6.16 -8.68
CA ILE A 255 -21.26 -5.45 -7.98
C ILE A 255 -20.70 -4.38 -8.93
N ILE A 256 -20.55 -4.67 -10.23
CA ILE A 256 -20.11 -3.64 -11.21
C ILE A 256 -21.15 -2.52 -11.28
N LYS A 257 -22.45 -2.87 -11.32
CA LYS A 257 -23.53 -1.86 -11.47
C LYS A 257 -23.50 -0.93 -10.26
N TYR A 258 -23.22 -1.45 -9.07
CA TYR A 258 -23.29 -0.67 -7.82
C TYR A 258 -22.13 0.33 -7.75
N PHE A 259 -20.92 -0.04 -8.20
CA PHE A 259 -19.79 0.92 -8.38
C PHE A 259 -20.24 2.08 -9.27
N ASN A 260 -20.93 1.78 -10.38
CA ASN A 260 -21.42 2.79 -11.37
C ASN A 260 -22.52 3.66 -10.72
N LEU A 261 -23.43 3.07 -9.95
CA LEU A 261 -24.50 3.80 -9.20
C LEU A 261 -23.90 4.84 -8.26
N ILE A 262 -22.76 4.57 -7.61
CA ILE A 262 -22.26 5.49 -6.55
C ILE A 262 -21.17 6.41 -7.11
N GLY A 263 -20.91 6.35 -8.42
CA GLY A 263 -19.94 7.23 -9.09
C GLY A 263 -18.49 6.76 -8.91
N SER A 264 -18.26 5.48 -8.61
CA SER A 264 -16.92 4.85 -8.71
C SER A 264 -16.72 4.37 -10.15
N LEU A 265 -16.88 5.27 -11.11
CA LEU A 265 -17.01 4.98 -12.56
C LEU A 265 -15.70 4.38 -13.09
N SER A 266 -14.56 4.91 -12.67
CA SER A 266 -13.21 4.42 -13.08
C SER A 266 -12.97 2.99 -12.57
N ILE A 267 -13.46 2.67 -11.37
CA ILE A 267 -13.28 1.33 -10.73
C ILE A 267 -14.28 0.34 -11.35
N ALA A 268 -15.51 0.78 -11.63
CA ALA A 268 -16.54 -0.02 -12.33
C ALA A 268 -15.99 -0.48 -13.69
N ALA A 269 -15.34 0.41 -14.44
CA ALA A 269 -14.73 0.14 -15.77
C ALA A 269 -13.55 -0.84 -15.67
N MET A 270 -12.75 -0.80 -14.58
CA MET A 270 -11.59 -1.70 -14.33
C MET A 270 -12.11 -3.13 -14.10
N PHE A 271 -13.19 -3.26 -13.34
CA PHE A 271 -13.85 -4.54 -13.06
C PHE A 271 -14.58 -4.99 -14.35
N GLU A 272 -15.29 -4.09 -15.04
CA GLU A 272 -15.94 -4.34 -16.36
C GLU A 272 -14.93 -5.03 -17.29
N SER A 273 -13.79 -4.37 -17.59
CA SER A 273 -12.66 -4.84 -18.43
C SER A 273 -12.10 -6.19 -17.98
N TYR A 274 -12.03 -6.44 -16.66
CA TYR A 274 -11.44 -7.66 -16.04
C TYR A 274 -12.33 -8.87 -16.28
N LEU A 275 -13.65 -8.67 -16.17
CA LEU A 275 -14.65 -9.77 -16.27
C LEU A 275 -14.80 -10.13 -17.76
N ASP A 276 -14.75 -9.14 -18.66
CA ASP A 276 -14.68 -9.27 -20.15
C ASP A 276 -13.39 -10.03 -20.53
N THR A 277 -12.25 -9.65 -19.95
CA THR A 277 -10.92 -10.28 -20.16
C THR A 277 -10.95 -11.70 -19.56
N LEU A 278 -11.81 -11.96 -18.57
CA LEU A 278 -11.85 -13.25 -17.85
C LEU A 278 -12.64 -14.28 -18.66
N ILE A 279 -13.79 -13.86 -19.17
CA ILE A 279 -14.71 -14.61 -20.07
C ILE A 279 -13.96 -14.93 -21.37
N LYS A 280 -13.15 -14.00 -21.88
CA LYS A 280 -12.39 -14.18 -23.15
C LYS A 280 -11.38 -15.33 -23.00
N ASN A 281 -10.70 -15.42 -21.86
CA ASN A 281 -9.55 -16.35 -21.66
C ASN A 281 -10.06 -17.71 -21.16
N ASN A 282 -11.20 -17.72 -20.49
CA ASN A 282 -11.87 -18.96 -20.01
C ASN A 282 -13.32 -18.95 -20.49
N PRO A 283 -13.62 -19.29 -21.78
CA PRO A 283 -14.95 -19.10 -22.36
C PRO A 283 -16.08 -19.97 -21.80
N HIS A 284 -15.70 -21.05 -21.12
CA HIS A 284 -16.60 -22.01 -20.42
C HIS A 284 -17.42 -21.33 -19.31
N ILE A 285 -16.96 -20.18 -18.79
CA ILE A 285 -17.62 -19.42 -17.67
C ILE A 285 -19.08 -19.15 -18.03
N THR A 286 -19.27 -18.58 -19.23
CA THR A 286 -20.53 -18.02 -19.75
C THR A 286 -21.34 -19.12 -20.46
N PHE A 287 -20.76 -20.30 -20.65
CA PHE A 287 -21.24 -21.32 -21.62
C PHE A 287 -22.65 -21.76 -21.23
N ASN A 288 -23.64 -21.15 -21.92
CA ASN A 288 -25.10 -21.37 -21.76
C ASN A 288 -25.61 -20.63 -20.51
#